data_7ZH3
#
_entry.id   7ZH3
#
_cell.length_a   1.00
_cell.length_b   1.00
_cell.length_c   1.00
_cell.angle_alpha   90.00
_cell.angle_beta   90.00
_cell.angle_gamma   90.00
#
_symmetry.space_group_name_H-M   'P 1'
#
loop_
_entity.id
_entity.type
_entity.pdbx_description
1 polymer 'Ubiquitin-60S ribosomal protein L40'
2 polymer 'Ubiquitin carboxyl-terminal hydrolase 1'
3 non-polymer 'ZINC ION'
4 water water
#
loop_
_entity_poly.entity_id
_entity_poly.type
_entity_poly.pdbx_seq_one_letter_code
_entity_poly.pdbx_strand_id
1 'polypeptide(L)' GPGSMQIFVKTLTGKTITLEVEPSDTIENVKAKIQDKEGIPPDQQRLIFAGKQLEDGRTLSDYNIQKESTLHLVLRLRGG C
2 'polypeptide(L)'
;GMPGVIPSESNGLSRGSPSKKNRLSLKFFQKKETKRALDFTDSQENEEKASEYRASEIDQVVPAAQSSPINCEKRENLLP
FVGLNNLGNTSYLNSILQVLYFCPGFKSGVKHLFNIISRKKEALKDEANQKDKGNCKEDSLASYELICSLQSLIISVEQL
QASFLLNPEKYTDELATQPRRLLNTLRELNPMYEGYLQHDAQEVLQCILGNIQETCQLLKKEEVKNVAELPTKVEEIPHP
KEEMNGINSIEMDSMRHSEDFKEKLPKGNGKRKSDTEFGNMKKKVKLSKEHQSLEENQRQTRSKRKATSDTLESPPKIIP
KYISENESPRPSQKKSRVKINWLKSATKQPSILSKFCSLGKITTNQGVKGQSKENECDPEEDLGKCESDNTTNGCGLESP
GNTVTPVNVNEVKPINKGEEQIGFELVEKLFQGQLVLRTRCLECESLTERREDFQDISVPVQEDELSKVEESSEISPEPK
TEMKTLRWAISQFASVERIVGEDKYFCENCHHYTEAERSLLFDKMPEVITIHLKCFAASGLEFDCYGGGLSKINTPLLTP
LKLSLEEWSTKPTNDSYGLFAVVMHSGITISSGHYTASVKVTDLNSLELDKGNFVVDQMCEIGKPEPLNEEEARGVVENY
NDEEVSIRVGGNTQPSKVLNKKNVEAIGLLAAQKSKADYELYNKASNPDKVASTAFAENRNSETSDTTGTHESDRNKESS
DQTGINISGFENKISYVVQSLKEYEGKWLLFDDSEVKVTEEKDFLNSLSPSTSPTSTPYLLFYKKL
;
D
#
loop_
_chem_comp.id
_chem_comp.type
_chem_comp.name
_chem_comp.formula
ZN non-polymer 'ZINC ION' 'Zn 2'
#
# COMPACT_ATOMS: atom_id res chain seq x y z
N SER A 4 -5.43 -28.56 -13.18
CA SER A 4 -4.90 -28.26 -11.86
C SER A 4 -3.48 -27.74 -11.94
N MET A 5 -3.22 -26.64 -11.24
CA MET A 5 -1.92 -25.99 -11.30
C MET A 5 -1.47 -25.69 -9.88
N GLN A 6 -0.19 -25.39 -9.74
CA GLN A 6 0.41 -25.04 -8.47
C GLN A 6 0.66 -23.55 -8.46
N ILE A 7 0.28 -22.89 -7.36
CA ILE A 7 0.54 -21.48 -7.16
C ILE A 7 1.21 -21.29 -5.82
N PHE A 8 1.87 -20.15 -5.67
CA PHE A 8 2.59 -19.80 -4.45
C PHE A 8 1.83 -18.72 -3.68
N VAL A 9 1.87 -18.82 -2.36
CA VAL A 9 1.30 -17.81 -1.47
C VAL A 9 2.38 -17.36 -0.51
N LYS A 10 2.73 -16.10 -0.55
CA LYS A 10 3.67 -15.51 0.40
C LYS A 10 2.91 -15.01 1.61
N THR A 11 3.16 -15.61 2.78
CA THR A 11 2.30 -15.46 3.95
C THR A 11 2.77 -14.34 4.87
N LEU A 12 2.22 -14.30 6.08
CA LEU A 12 2.40 -13.17 6.98
C LEU A 12 3.83 -13.05 7.50
N THR A 13 4.57 -14.14 7.54
CA THR A 13 5.98 -14.10 7.90
C THR A 13 6.90 -13.99 6.70
N GLY A 14 6.37 -13.76 5.50
CA GLY A 14 7.15 -13.77 4.30
C GLY A 14 7.43 -15.14 3.73
N LYS A 15 7.01 -16.19 4.42
CA LYS A 15 7.33 -17.56 4.08
C LYS A 15 6.33 -18.09 3.06
N THR A 16 6.82 -18.81 2.05
CA THR A 16 6.01 -19.22 0.93
C THR A 16 5.44 -20.62 1.15
N ILE A 17 4.17 -20.79 0.83
CA ILE A 17 3.50 -22.07 0.80
C ILE A 17 2.99 -22.29 -0.61
N THR A 18 2.59 -23.52 -0.91
CA THR A 18 2.07 -23.88 -2.21
C THR A 18 0.60 -24.25 -2.09
N LEU A 19 -0.13 -24.15 -3.19
CA LEU A 19 -1.50 -24.62 -3.29
C LEU A 19 -1.72 -25.22 -4.67
N GLU A 20 -2.44 -26.34 -4.71
CA GLU A 20 -2.91 -26.93 -5.95
C GLU A 20 -4.33 -26.45 -6.18
N VAL A 21 -4.55 -25.74 -7.28
CA VAL A 21 -5.79 -25.05 -7.53
C VAL A 21 -6.24 -25.34 -8.96
N GLU A 22 -7.48 -24.99 -9.26
CA GLU A 22 -8.02 -25.01 -10.61
C GLU A 22 -8.18 -23.57 -11.07
N PRO A 23 -8.12 -23.33 -12.39
CA PRO A 23 -8.51 -22.02 -12.90
C PRO A 23 -9.97 -21.69 -12.63
N SER A 24 -10.77 -22.68 -12.25
CA SER A 24 -12.17 -22.47 -11.97
C SER A 24 -12.47 -22.38 -10.49
N ASP A 25 -11.50 -22.67 -9.62
CA ASP A 25 -11.69 -22.42 -8.20
C ASP A 25 -11.99 -20.96 -7.94
N THR A 26 -12.80 -20.70 -6.94
CA THR A 26 -13.12 -19.34 -6.58
C THR A 26 -12.19 -18.84 -5.47
N ILE A 27 -12.23 -17.53 -5.27
CA ILE A 27 -11.36 -16.91 -4.27
C ILE A 27 -11.69 -17.45 -2.90
N GLU A 28 -12.95 -17.82 -2.67
CA GLU A 28 -13.36 -18.45 -1.42
C GLU A 28 -12.69 -19.79 -1.22
N ASN A 29 -12.59 -20.60 -2.29
CA ASN A 29 -11.92 -21.89 -2.20
C ASN A 29 -10.42 -21.73 -1.96
N VAL A 30 -9.79 -20.79 -2.67
CA VAL A 30 -8.39 -20.48 -2.40
C VAL A 30 -8.19 -20.10 -0.94
N LYS A 31 -9.07 -19.27 -0.40
CA LYS A 31 -8.95 -18.84 0.99
C LYS A 31 -9.18 -20.00 1.96
N ALA A 32 -10.06 -20.94 1.62
CA ALA A 32 -10.24 -22.12 2.46
C ALA A 32 -8.99 -23.00 2.47
N LYS A 33 -8.33 -23.16 1.32
CA LYS A 33 -7.08 -23.92 1.30
C LYS A 33 -5.98 -23.22 2.10
N ILE A 34 -5.93 -21.89 1.99
CA ILE A 34 -4.97 -21.12 2.80
C ILE A 34 -5.26 -21.32 4.28
N GLN A 35 -6.53 -21.41 4.65
CA GLN A 35 -6.86 -21.69 6.05
C GLN A 35 -6.41 -23.09 6.46
N ASP A 36 -6.62 -24.09 5.61
CA ASP A 36 -6.07 -25.43 5.89
C ASP A 36 -4.58 -25.38 6.18
N LYS A 37 -3.84 -24.54 5.46
CA LYS A 37 -2.39 -24.54 5.65
C LYS A 37 -1.90 -23.57 6.72
N GLU A 38 -2.66 -22.53 7.05
CA GLU A 38 -2.12 -21.44 7.87
C GLU A 38 -2.92 -21.19 9.13
N GLY A 39 -4.19 -21.56 9.13
CA GLY A 39 -5.05 -21.29 10.26
C GLY A 39 -5.63 -19.91 10.34
N ILE A 40 -5.80 -19.23 9.21
CA ILE A 40 -6.40 -17.90 9.20
C ILE A 40 -7.79 -18.01 8.58
N PRO A 41 -8.83 -17.53 9.25
CA PRO A 41 -10.17 -17.65 8.69
C PRO A 41 -10.29 -16.87 7.39
N PRO A 42 -11.06 -17.39 6.43
CA PRO A 42 -11.11 -16.74 5.12
C PRO A 42 -11.65 -15.34 5.13
N ASP A 43 -12.39 -14.95 6.17
CA ASP A 43 -12.90 -13.59 6.22
C ASP A 43 -11.87 -12.60 6.74
N GLN A 44 -10.76 -13.08 7.27
CA GLN A 44 -9.66 -12.24 7.71
C GLN A 44 -8.58 -12.11 6.65
N GLN A 45 -8.72 -12.82 5.54
CA GLN A 45 -7.70 -12.92 4.51
C GLN A 45 -7.93 -11.88 3.42
N ARG A 46 -6.87 -11.20 3.03
CA ARG A 46 -6.85 -10.38 1.83
C ARG A 46 -5.77 -10.96 0.94
N LEU A 47 -6.10 -11.21 -0.32
CA LEU A 47 -5.18 -11.83 -1.26
C LEU A 47 -4.87 -10.86 -2.37
N ILE A 48 -3.59 -10.57 -2.58
CA ILE A 48 -3.14 -9.60 -3.56
C ILE A 48 -2.40 -10.33 -4.65
N PHE A 49 -2.83 -10.17 -5.89
CA PHE A 49 -2.11 -10.70 -7.03
C PHE A 49 -1.85 -9.58 -8.01
N ALA A 50 -0.57 -9.39 -8.36
CA ALA A 50 -0.13 -8.40 -9.34
C ALA A 50 -0.67 -7.01 -9.02
N GLY A 51 -0.78 -6.70 -7.73
CA GLY A 51 -1.23 -5.39 -7.30
C GLY A 51 -2.72 -5.23 -7.10
N LYS A 52 -3.53 -6.19 -7.52
CA LYS A 52 -4.98 -6.13 -7.39
C LYS A 52 -5.43 -7.12 -6.34
N GLN A 53 -6.39 -6.72 -5.51
CA GLN A 53 -6.93 -7.61 -4.50
C GLN A 53 -7.97 -8.54 -5.13
N LEU A 54 -7.90 -9.82 -4.79
CA LEU A 54 -8.81 -10.80 -5.35
C LEU A 54 -10.14 -10.76 -4.63
N GLU A 55 -11.22 -10.63 -5.39
CA GLU A 55 -12.55 -10.45 -4.85
C GLU A 55 -13.28 -11.79 -4.74
N ASP A 56 -13.89 -12.03 -3.60
CA ASP A 56 -14.76 -13.18 -3.42
C ASP A 56 -15.86 -13.19 -4.48
N GLY A 57 -16.17 -14.37 -4.98
CA GLY A 57 -17.15 -14.51 -6.04
C GLY A 57 -16.57 -14.65 -7.42
N ARG A 58 -15.28 -14.38 -7.59
CA ARG A 58 -14.60 -14.54 -8.86
C ARG A 58 -13.78 -15.81 -8.85
N THR A 59 -13.23 -16.15 -10.00
CA THR A 59 -12.36 -17.30 -10.14
C THR A 59 -10.95 -16.85 -10.48
N LEU A 60 -10.01 -17.78 -10.36
CA LEU A 60 -8.62 -17.45 -10.66
C LEU A 60 -8.41 -17.17 -12.14
N SER A 61 -9.21 -17.80 -13.00
CA SER A 61 -9.11 -17.51 -14.43
C SER A 61 -9.62 -16.11 -14.74
N ASP A 62 -10.53 -15.57 -13.92
CA ASP A 62 -10.93 -14.17 -14.05
C ASP A 62 -9.74 -13.25 -13.91
N TYR A 63 -8.78 -13.61 -13.06
CA TYR A 63 -7.61 -12.81 -12.78
C TYR A 63 -6.39 -13.24 -13.56
N ASN A 64 -6.51 -14.30 -14.35
CA ASN A 64 -5.42 -14.75 -15.22
C ASN A 64 -4.26 -15.30 -14.38
N ILE A 65 -4.62 -15.92 -13.26
CA ILE A 65 -3.67 -16.58 -12.39
C ILE A 65 -3.39 -17.96 -12.96
N GLN A 66 -2.12 -18.27 -13.19
CA GLN A 66 -1.68 -19.48 -13.86
C GLN A 66 -0.69 -20.20 -12.97
N LYS A 67 -0.10 -21.28 -13.49
CA LYS A 67 0.95 -21.97 -12.75
C LYS A 67 2.08 -21.02 -12.40
N GLU A 68 2.49 -21.06 -11.12
CA GLU A 68 3.59 -20.29 -10.53
C GLU A 68 3.24 -18.84 -10.28
N SER A 69 1.96 -18.49 -10.27
CA SER A 69 1.57 -17.16 -9.84
C SER A 69 1.65 -17.09 -8.32
N THR A 70 1.95 -15.91 -7.81
CA THR A 70 2.17 -15.72 -6.39
C THR A 70 1.11 -14.77 -5.84
N LEU A 71 0.37 -15.25 -4.87
CA LEU A 71 -0.51 -14.42 -4.07
C LEU A 71 0.23 -13.92 -2.83
N HIS A 72 -0.13 -12.73 -2.40
CA HIS A 72 0.39 -12.16 -1.16
C HIS A 72 -0.75 -12.08 -0.17
N LEU A 73 -0.56 -12.67 0.99
CA LEU A 73 -1.59 -12.75 2.02
C LEU A 73 -1.32 -11.69 3.08
N VAL A 74 -2.26 -10.77 3.24
CA VAL A 74 -2.20 -9.78 4.30
C VAL A 74 -3.49 -9.88 5.11
N LEU A 75 -3.51 -9.21 6.24
CA LEU A 75 -4.70 -9.11 7.06
C LEU A 75 -5.29 -7.70 6.93
N ARG A 76 -6.31 -7.43 7.71
CA ARG A 76 -6.89 -6.10 7.82
C ARG A 76 -6.51 -5.49 9.15
N LEU A 77 -5.82 -4.38 9.12
CA LEU A 77 -5.58 -3.55 10.28
C LEU A 77 -6.64 -2.45 10.26
N ARG A 78 -7.68 -2.62 11.06
CA ARG A 78 -8.80 -1.71 11.11
C ARG A 78 -8.49 -0.51 12.00
N GLY A 79 -8.87 0.67 11.52
CA GLY A 79 -8.66 1.88 12.28
C GLY A 79 -9.63 2.96 11.84
N GLY A 80 -9.92 3.86 12.75
CA GLY A 80 -10.75 5.00 12.45
C GLY A 80 -11.28 5.74 13.65
N ASN B 77 -1.49 29.71 16.43
CA ASN B 77 -0.43 28.72 16.34
C ASN B 77 -0.80 27.62 15.36
N LEU B 78 -1.86 27.88 14.60
CA LEU B 78 -2.26 26.94 13.56
C LEU B 78 -1.25 26.98 12.42
N LEU B 79 -0.91 25.81 11.93
CA LEU B 79 -0.06 25.75 10.76
C LEU B 79 -0.92 25.95 9.50
N PRO B 80 -0.33 26.37 8.42
CA PRO B 80 -1.08 26.54 7.16
C PRO B 80 -1.25 25.25 6.38
N PHE B 81 -1.63 24.18 7.07
CA PHE B 81 -1.78 22.88 6.46
C PHE B 81 -3.13 22.32 6.86
N VAL B 82 -3.92 21.95 5.87
CA VAL B 82 -5.33 21.67 6.05
C VAL B 82 -5.50 20.23 6.50
N GLY B 83 -5.99 20.05 7.71
CA GLY B 83 -6.39 18.74 8.19
C GLY B 83 -7.71 18.33 7.61
N LEU B 84 -8.12 17.12 7.92
CA LEU B 84 -9.38 16.57 7.45
C LEU B 84 -10.21 16.13 8.63
N ASN B 85 -11.45 16.61 8.68
CA ASN B 85 -12.33 16.26 9.78
C ASN B 85 -12.71 14.79 9.73
N ASN B 86 -12.68 14.15 10.89
CA ASN B 86 -13.16 12.78 11.02
C ASN B 86 -14.67 12.78 10.91
N LEU B 87 -15.21 12.06 9.93
CA LEU B 87 -16.64 11.97 9.70
C LEU B 87 -17.25 10.72 10.33
N GLY B 88 -16.60 10.12 11.31
CA GLY B 88 -17.09 8.92 11.91
C GLY B 88 -16.28 7.71 11.52
N ASN B 89 -15.22 7.45 12.27
CA ASN B 89 -14.36 6.27 12.08
C ASN B 89 -13.60 6.33 10.77
N THR B 90 -13.34 7.54 10.26
CA THR B 90 -12.75 7.68 8.93
C THR B 90 -11.30 8.14 8.95
N SER B 91 -10.53 7.80 9.99
CA SER B 91 -9.11 8.17 9.97
C SER B 91 -8.32 7.27 9.03
N TYR B 92 -8.80 6.06 8.74
CA TYR B 92 -8.19 5.23 7.72
C TYR B 92 -8.14 5.94 6.38
N LEU B 93 -9.22 6.64 6.03
CA LEU B 93 -9.25 7.35 4.76
C LEU B 93 -8.47 8.66 4.85
N ASN B 94 -8.51 9.31 6.00
CA ASN B 94 -7.89 10.60 6.18
C ASN B 94 -6.38 10.53 6.04
N SER B 95 -5.75 9.55 6.67
CA SER B 95 -4.30 9.48 6.58
C SER B 95 -3.83 9.13 5.18
N ILE B 96 -4.58 8.30 4.47
CA ILE B 96 -4.28 7.99 3.07
C ILE B 96 -4.47 9.22 2.19
N LEU B 97 -5.48 10.03 2.47
CA LEU B 97 -5.72 11.21 1.66
C LEU B 97 -4.65 12.25 1.87
N GLN B 98 -4.08 12.31 3.08
CA GLN B 98 -2.96 13.22 3.32
C GLN B 98 -1.70 12.75 2.59
N VAL B 99 -1.37 11.47 2.71
CA VAL B 99 -0.22 10.95 1.99
C VAL B 99 -0.37 11.16 0.48
N LEU B 100 -1.59 11.02 -0.05
CA LEU B 100 -1.80 11.25 -1.47
C LEU B 100 -1.76 12.72 -1.84
N TYR B 101 -2.25 13.61 -0.98
CA TYR B 101 -2.13 15.03 -1.25
C TYR B 101 -0.68 15.46 -1.34
N PHE B 102 0.19 14.83 -0.56
CA PHE B 102 1.58 15.21 -0.57
C PHE B 102 2.46 14.33 -1.43
N CYS B 103 1.88 13.38 -2.15
CA CYS B 103 2.64 12.55 -3.07
C CYS B 103 3.04 13.36 -4.30
N PRO B 104 4.30 13.29 -4.74
CA PRO B 104 4.79 14.19 -5.79
C PRO B 104 4.29 13.79 -7.17
N GLY B 105 3.32 14.55 -7.69
CA GLY B 105 2.75 14.28 -8.98
C GLY B 105 1.31 13.82 -8.95
N PHE B 106 0.77 13.47 -7.79
CA PHE B 106 -0.59 12.95 -7.72
C PHE B 106 -1.62 14.06 -7.92
N LYS B 107 -1.37 15.25 -7.35
CA LYS B 107 -2.26 16.38 -7.57
C LYS B 107 -2.25 16.81 -9.03
N SER B 108 -1.06 16.89 -9.63
CA SER B 108 -0.96 17.29 -11.03
C SER B 108 -1.60 16.26 -11.94
N GLY B 109 -1.43 14.97 -11.62
CA GLY B 109 -2.06 13.95 -12.43
C GLY B 109 -3.56 13.98 -12.35
N VAL B 110 -4.10 14.19 -11.14
CA VAL B 110 -5.54 14.30 -10.99
C VAL B 110 -6.07 15.53 -11.70
N LYS B 111 -5.34 16.65 -11.65
CA LYS B 111 -5.81 17.84 -12.35
C LYS B 111 -5.83 17.64 -13.84
N HIS B 112 -4.81 16.98 -14.39
CA HIS B 112 -4.79 16.67 -15.81
C HIS B 112 -5.97 15.78 -16.19
N LEU B 113 -6.18 14.69 -15.45
CA LEU B 113 -7.30 13.81 -15.76
C LEU B 113 -8.63 14.52 -15.64
N PHE B 114 -8.75 15.45 -14.69
CA PHE B 114 -10.01 16.17 -14.53
C PHE B 114 -10.24 17.16 -15.66
N ASN B 115 -9.18 17.80 -16.13
CA ASN B 115 -9.29 18.61 -17.33
C ASN B 115 -9.81 17.77 -18.49
N ILE B 116 -9.26 16.56 -18.66
CA ILE B 116 -9.70 15.69 -19.75
C ILE B 116 -11.17 15.35 -19.60
N ILE B 117 -11.58 14.94 -18.40
CA ILE B 117 -12.96 14.53 -18.18
C ILE B 117 -13.91 15.71 -18.34
N SER B 118 -13.48 16.91 -17.96
CA SER B 118 -14.37 18.06 -18.06
C SER B 118 -14.53 18.51 -19.50
N ARG B 119 -13.47 18.43 -20.29
CA ARG B 119 -13.64 18.67 -21.73
C ARG B 119 -14.54 17.61 -22.34
N LYS B 120 -14.41 16.37 -21.90
CA LYS B 120 -15.25 15.30 -22.43
C LYS B 120 -16.71 15.52 -22.06
N LYS B 121 -16.96 16.04 -20.86
CA LYS B 121 -18.33 16.27 -20.43
C LYS B 121 -18.93 17.53 -21.07
N GLU B 122 -18.09 18.51 -21.43
CA GLU B 122 -18.62 19.63 -22.22
C GLU B 122 -18.77 19.22 -23.68
N ALA B 123 -18.19 18.09 -24.07
CA ALA B 123 -18.40 17.55 -25.40
C ALA B 123 -19.64 16.67 -25.43
N SER B 143 -18.11 6.49 -14.00
CA SER B 143 -16.85 6.08 -13.40
C SER B 143 -15.94 7.26 -13.14
N TYR B 144 -16.28 8.40 -13.74
CA TYR B 144 -15.46 9.59 -13.61
C TYR B 144 -15.66 10.31 -12.29
N GLU B 145 -16.31 9.69 -11.31
CA GLU B 145 -16.64 10.42 -10.10
C GLU B 145 -15.55 10.38 -9.05
N LEU B 146 -14.73 9.32 -9.00
CA LEU B 146 -13.57 9.36 -8.14
C LEU B 146 -12.67 10.53 -8.51
N ILE B 147 -12.43 10.74 -9.80
CA ILE B 147 -11.56 11.83 -10.23
C ILE B 147 -12.19 13.17 -9.90
N CYS B 148 -13.49 13.30 -10.12
CA CYS B 148 -14.16 14.58 -9.87
C CYS B 148 -14.16 14.92 -8.39
N SER B 149 -14.35 13.92 -7.53
CA SER B 149 -14.43 14.20 -6.10
C SER B 149 -13.04 14.32 -5.47
N LEU B 150 -12.03 13.64 -6.01
CA LEU B 150 -10.66 13.91 -5.61
C LEU B 150 -10.22 15.30 -6.03
N GLN B 151 -10.64 15.74 -7.21
CA GLN B 151 -10.28 17.08 -7.64
C GLN B 151 -10.96 18.12 -6.78
N SER B 152 -12.21 17.87 -6.39
CA SER B 152 -12.91 18.78 -5.50
C SER B 152 -12.23 18.86 -4.14
N LEU B 153 -11.83 17.70 -3.60
CA LEU B 153 -11.14 17.71 -2.31
C LEU B 153 -9.82 18.45 -2.40
N ILE B 154 -9.08 18.25 -3.49
CA ILE B 154 -7.78 18.89 -3.64
C ILE B 154 -7.94 20.40 -3.72
N ILE B 155 -8.92 20.87 -4.49
CA ILE B 155 -9.14 22.30 -4.57
C ILE B 155 -9.62 22.86 -3.22
N SER B 156 -10.41 22.10 -2.47
CA SER B 156 -10.83 22.57 -1.14
C SER B 156 -9.63 22.75 -0.22
N VAL B 157 -8.73 21.77 -0.19
CA VAL B 157 -7.54 21.89 0.64
C VAL B 157 -6.69 23.09 0.22
N GLU B 158 -6.53 23.28 -1.10
CA GLU B 158 -5.73 24.40 -1.59
C GLU B 158 -6.34 25.73 -1.19
N GLN B 159 -7.66 25.86 -1.30
CA GLN B 159 -8.29 27.14 -1.02
C GLN B 159 -8.34 27.45 0.46
N LEU B 160 -8.50 26.44 1.32
CA LEU B 160 -8.39 26.69 2.75
C LEU B 160 -6.99 27.12 3.12
N GLN B 161 -5.97 26.47 2.57
CA GLN B 161 -4.61 26.93 2.82
C GLN B 161 -4.44 28.37 2.39
N ALA B 162 -4.95 28.73 1.21
CA ALA B 162 -4.77 30.09 0.71
C ALA B 162 -5.50 31.11 1.58
N SER B 163 -6.73 30.81 1.97
CA SER B 163 -7.48 31.75 2.78
C SER B 163 -6.90 31.89 4.19
N PHE B 164 -6.33 30.82 4.74
CA PHE B 164 -5.63 30.96 6.02
C PHE B 164 -4.40 31.83 5.86
N LEU B 165 -3.65 31.64 4.78
CA LEU B 165 -2.46 32.46 4.57
C LEU B 165 -2.83 33.91 4.30
N LEU B 166 -4.05 34.16 3.85
CA LEU B 166 -4.51 35.52 3.62
C LEU B 166 -4.99 36.18 4.91
N ASN B 167 -5.86 35.50 5.65
CA ASN B 167 -6.44 36.04 6.88
C ASN B 167 -6.36 34.98 7.97
N PRO B 168 -5.23 34.84 8.62
CA PRO B 168 -5.06 33.76 9.59
C PRO B 168 -5.80 34.03 10.88
N GLU B 169 -6.61 35.09 10.90
CA GLU B 169 -7.39 35.47 12.07
C GLU B 169 -8.79 34.88 12.06
N LYS B 170 -9.38 34.64 10.90
CA LYS B 170 -10.66 33.96 10.79
C LYS B 170 -10.58 32.49 11.17
N TYR B 171 -9.41 32.02 11.58
CA TYR B 171 -9.18 30.61 11.84
C TYR B 171 -8.54 30.46 13.21
N THR B 172 -9.33 30.02 14.19
CA THR B 172 -8.87 29.89 15.56
C THR B 172 -8.63 28.46 15.99
N ASP B 173 -9.66 27.60 15.93
CA ASP B 173 -9.53 26.25 16.45
C ASP B 173 -8.77 25.30 15.54
N GLU B 174 -9.19 25.12 14.30
CA GLU B 174 -8.40 24.26 13.43
C GLU B 174 -8.62 24.72 12.00
N LEU B 175 -7.71 24.33 11.13
CA LEU B 175 -7.85 24.52 9.70
C LEU B 175 -8.07 23.12 9.10
N ALA B 176 -9.33 22.76 8.90
CA ALA B 176 -9.68 21.44 8.44
C ALA B 176 -10.83 21.54 7.44
N THR B 177 -11.00 20.48 6.66
CA THR B 177 -12.12 20.35 5.74
C THR B 177 -12.64 18.93 5.84
N GLN B 178 -13.72 18.66 5.14
CA GLN B 178 -14.38 17.37 5.24
C GLN B 178 -14.35 16.68 3.88
N PRO B 179 -13.96 15.41 3.82
CA PRO B 179 -14.03 14.63 2.57
C PRO B 179 -15.34 13.87 2.39
N ARG B 180 -16.46 14.58 2.52
CA ARG B 180 -17.78 13.93 2.49
C ARG B 180 -18.11 13.40 1.11
N ARG B 181 -17.93 14.22 0.08
CA ARG B 181 -18.25 13.80 -1.28
C ARG B 181 -17.39 12.63 -1.72
N LEU B 182 -16.13 12.59 -1.30
CA LEU B 182 -15.26 11.51 -1.71
C LEU B 182 -15.57 10.22 -0.95
N LEU B 183 -16.01 10.32 0.30
CA LEU B 183 -16.50 9.14 1.00
C LEU B 183 -17.76 8.60 0.34
N ASN B 184 -18.65 9.49 -0.11
CA ASN B 184 -19.80 9.08 -0.91
C ASN B 184 -19.37 8.29 -2.14
N THR B 185 -18.40 8.84 -2.88
CA THR B 185 -17.91 8.17 -4.08
C THR B 185 -17.26 6.82 -3.76
N LEU B 186 -16.56 6.71 -2.65
CA LEU B 186 -16.02 5.41 -2.25
C LEU B 186 -17.08 4.41 -1.86
N ARG B 187 -18.18 4.84 -1.26
CA ARG B 187 -19.26 3.92 -0.98
C ARG B 187 -20.00 3.50 -2.23
N GLU B 188 -20.05 4.37 -3.24
CA GLU B 188 -20.56 3.93 -4.53
C GLU B 188 -19.66 2.91 -5.19
N LEU B 189 -18.35 3.15 -5.21
CA LEU B 189 -17.40 2.22 -5.80
C LEU B 189 -17.27 0.93 -5.01
N ASN B 190 -17.50 0.94 -3.72
CA ASN B 190 -17.27 -0.23 -2.90
C ASN B 190 -18.20 -0.16 -1.70
N PRO B 191 -19.15 -1.09 -1.57
CA PRO B 191 -20.15 -0.98 -0.52
C PRO B 191 -19.65 -1.24 0.89
N MET B 192 -18.39 -1.65 1.08
CA MET B 192 -17.92 -1.92 2.43
C MET B 192 -17.77 -0.64 3.23
N TYR B 193 -17.56 0.48 2.56
CA TYR B 193 -17.38 1.77 3.22
C TYR B 193 -18.69 2.43 3.60
N GLU B 194 -19.82 1.78 3.35
CA GLU B 194 -21.11 2.29 3.80
C GLU B 194 -21.20 2.20 5.31
N GLY B 195 -21.61 3.30 5.93
CA GLY B 195 -21.71 3.32 7.37
C GLY B 195 -20.57 4.06 8.02
N TYR B 196 -20.23 3.66 9.23
CA TYR B 196 -19.19 4.31 10.00
C TYR B 196 -18.41 3.27 10.80
N LEU B 197 -17.87 2.28 10.10
CA LEU B 197 -17.00 1.24 10.63
C LEU B 197 -15.55 1.61 10.41
N GLN B 198 -14.66 0.83 11.01
CA GLN B 198 -13.22 1.04 10.87
C GLN B 198 -12.65 0.07 9.85
N HIS B 199 -11.71 0.54 9.04
CA HIS B 199 -11.25 -0.15 7.86
C HIS B 199 -9.72 -0.13 7.79
N ASP B 200 -9.21 -0.66 6.70
CA ASP B 200 -7.78 -0.75 6.47
C ASP B 200 -7.32 0.37 5.55
N ALA B 201 -6.27 1.08 6.00
CA ALA B 201 -5.73 2.19 5.23
C ALA B 201 -5.13 1.72 3.91
N GLN B 202 -4.37 0.62 3.94
CA GLN B 202 -3.78 0.09 2.72
C GLN B 202 -4.86 -0.39 1.75
N GLU B 203 -5.96 -0.90 2.28
CA GLU B 203 -7.03 -1.36 1.41
C GLU B 203 -7.75 -0.20 0.75
N VAL B 204 -7.98 0.88 1.49
CA VAL B 204 -8.65 2.02 0.85
C VAL B 204 -7.69 2.72 -0.11
N LEU B 205 -6.38 2.70 0.16
CA LEU B 205 -5.41 3.23 -0.79
C LEU B 205 -5.43 2.42 -2.07
N GLN B 206 -5.40 1.09 -1.94
CA GLN B 206 -5.48 0.21 -3.09
C GLN B 206 -6.76 0.41 -3.88
N CYS B 207 -7.89 0.65 -3.20
CA CYS B 207 -9.14 0.91 -3.90
C CYS B 207 -9.09 2.20 -4.71
N ILE B 208 -8.65 3.29 -4.10
CA ILE B 208 -8.56 4.57 -4.80
C ILE B 208 -7.65 4.45 -6.01
N LEU B 209 -6.47 3.84 -5.83
CA LEU B 209 -5.51 3.79 -6.92
C LEU B 209 -5.97 2.86 -8.04
N GLY B 210 -6.56 1.72 -7.68
CA GLY B 210 -7.13 0.85 -8.70
C GLY B 210 -8.21 1.52 -9.52
N ASN B 211 -9.06 2.30 -8.88
CA ASN B 211 -10.13 2.95 -9.63
C ASN B 211 -9.60 4.08 -10.51
N ILE B 212 -8.59 4.82 -10.03
CA ILE B 212 -7.97 5.81 -10.90
C ILE B 212 -7.36 5.15 -12.12
N GLN B 213 -6.75 3.99 -11.93
CA GLN B 213 -6.15 3.28 -13.06
C GLN B 213 -7.21 2.80 -14.04
N GLU B 214 -8.34 2.29 -13.54
CA GLU B 214 -9.43 1.89 -14.44
C GLU B 214 -10.00 3.08 -15.21
N THR B 215 -10.16 4.22 -14.54
CA THR B 215 -10.62 5.40 -15.25
C THR B 215 -9.65 5.83 -16.33
N CYS B 216 -8.35 5.76 -16.05
CA CYS B 216 -7.35 6.11 -17.05
C CYS B 216 -7.41 5.16 -18.24
N GLN B 217 -7.57 3.86 -17.97
CA GLN B 217 -7.63 2.89 -19.05
C GLN B 217 -8.88 3.08 -19.89
N LEU B 218 -9.99 3.48 -19.26
CA LEU B 218 -11.20 3.82 -20.00
C LEU B 218 -10.99 5.03 -20.89
N LEU B 219 -10.43 6.10 -20.34
CA LEU B 219 -10.20 7.30 -21.14
C LEU B 219 -9.30 7.00 -22.32
N LYS B 220 -8.23 6.23 -22.08
CA LYS B 220 -7.30 5.90 -23.15
C LYS B 220 -7.96 5.02 -24.21
N LYS B 221 -8.62 3.94 -23.79
CA LYS B 221 -9.32 3.05 -24.71
C LYS B 221 -10.35 3.79 -25.54
N GLU B 222 -11.13 4.67 -24.92
CA GLU B 222 -12.06 5.52 -25.65
C GLU B 222 -11.32 6.36 -26.69
N GLU B 223 -10.27 7.06 -26.28
CA GLU B 223 -9.49 7.85 -27.22
C GLU B 223 -8.89 6.96 -28.31
N GLY B 423 -0.99 11.85 -19.91
CA GLY B 423 -1.17 11.69 -18.48
C GLY B 423 -2.14 10.58 -18.12
N PHE B 424 -2.37 9.67 -19.05
CA PHE B 424 -3.27 8.55 -18.83
C PHE B 424 -2.59 7.40 -18.11
N GLU B 425 -1.33 7.56 -17.73
CA GLU B 425 -0.57 6.57 -17.00
C GLU B 425 -0.06 7.15 -15.69
N LEU B 426 -0.97 7.79 -14.96
CA LEU B 426 -0.65 8.36 -13.66
C LEU B 426 -0.22 7.29 -12.66
N VAL B 427 -1.07 6.29 -12.43
CA VAL B 427 -0.79 5.29 -11.41
C VAL B 427 0.34 4.39 -11.84
N GLU B 428 0.44 4.09 -13.13
CA GLU B 428 1.50 3.22 -13.61
C GLU B 428 2.87 3.86 -13.43
N LYS B 429 2.98 5.16 -13.69
CA LYS B 429 4.25 5.83 -13.49
C LYS B 429 4.55 6.11 -12.03
N LEU B 430 3.55 6.45 -11.22
CA LEU B 430 3.82 6.79 -9.84
C LEU B 430 4.03 5.58 -8.95
N PHE B 431 3.17 4.57 -9.03
CA PHE B 431 3.16 3.55 -8.00
C PHE B 431 3.39 2.13 -8.49
N GLN B 432 3.65 1.90 -9.76
CA GLN B 432 3.65 0.54 -10.28
C GLN B 432 5.04 0.13 -10.77
N GLY B 433 5.43 -1.09 -10.43
CA GLY B 433 6.71 -1.63 -10.86
C GLY B 433 6.55 -3.07 -11.34
N GLN B 434 7.69 -3.66 -11.67
CA GLN B 434 7.78 -5.02 -12.18
C GLN B 434 8.56 -5.88 -11.20
N LEU B 435 8.08 -7.08 -10.94
CA LEU B 435 8.86 -8.09 -10.23
C LEU B 435 9.19 -9.23 -11.18
N VAL B 436 10.37 -9.81 -10.99
CA VAL B 436 10.78 -11.04 -11.65
C VAL B 436 10.87 -12.12 -10.59
N LEU B 437 9.99 -13.10 -10.68
CA LEU B 437 9.89 -14.15 -9.66
C LEU B 437 10.51 -15.43 -10.23
N ARG B 438 11.73 -15.73 -9.80
CA ARG B 438 12.51 -16.82 -10.36
C ARG B 438 12.42 -18.03 -9.44
N THR B 439 12.25 -19.21 -10.03
CA THR B 439 12.23 -20.47 -9.32
C THR B 439 13.35 -21.35 -9.84
N ARG B 440 14.09 -21.96 -8.95
CA ARG B 440 15.14 -22.90 -9.31
C ARG B 440 14.82 -24.25 -8.69
N CYS B 441 14.57 -25.25 -9.52
CA CYS B 441 14.47 -26.63 -9.06
C CYS B 441 15.79 -27.10 -8.49
N LEU B 442 15.77 -27.66 -7.29
CA LEU B 442 17.01 -28.13 -6.70
C LEU B 442 17.39 -29.52 -7.16
N GLU B 443 16.52 -30.21 -7.90
CA GLU B 443 16.93 -31.42 -8.62
C GLU B 443 17.68 -31.08 -9.88
N CYS B 444 16.96 -30.63 -10.91
CA CYS B 444 17.53 -30.42 -12.22
C CYS B 444 18.18 -29.06 -12.39
N GLU B 445 17.99 -28.13 -11.45
CA GLU B 445 18.63 -26.82 -11.46
C GLU B 445 18.26 -26.01 -12.69
N SER B 446 17.03 -26.17 -13.16
CA SER B 446 16.45 -25.36 -14.20
C SER B 446 15.74 -24.17 -13.58
N LEU B 447 15.59 -23.12 -14.37
CA LEU B 447 15.05 -21.85 -13.90
C LEU B 447 13.80 -21.51 -14.67
N THR B 448 12.73 -21.20 -13.96
CA THR B 448 11.52 -20.63 -14.54
C THR B 448 11.33 -19.22 -13.98
N GLU B 449 10.78 -18.33 -14.80
CA GLU B 449 10.56 -16.95 -14.40
C GLU B 449 9.11 -16.55 -14.56
N ARG B 450 8.69 -15.59 -13.75
CA ARG B 450 7.41 -14.92 -13.91
C ARG B 450 7.63 -13.43 -13.84
N ARG B 451 6.82 -12.67 -14.58
CA ARG B 451 6.72 -11.24 -14.40
C ARG B 451 5.40 -10.94 -13.73
N GLU B 452 5.42 -10.13 -12.67
CA GLU B 452 4.20 -9.66 -12.04
C GLU B 452 4.35 -8.19 -11.71
N ASP B 453 3.25 -7.46 -11.81
CA ASP B 453 3.23 -6.07 -11.42
C ASP B 453 3.15 -5.96 -9.91
N PHE B 454 3.55 -4.80 -9.39
CA PHE B 454 3.31 -4.51 -7.98
C PHE B 454 3.00 -3.04 -7.82
N GLN B 455 2.29 -2.71 -6.75
CA GLN B 455 2.10 -1.34 -6.33
C GLN B 455 2.59 -1.09 -4.92
N ASP B 456 3.08 -2.10 -4.22
CA ASP B 456 3.70 -1.96 -2.92
C ASP B 456 4.34 -3.29 -2.55
N ILE B 457 5.31 -3.23 -1.67
CA ILE B 457 6.05 -4.39 -1.22
C ILE B 457 5.56 -4.73 0.18
N SER B 458 4.95 -5.90 0.33
CA SER B 458 4.46 -6.36 1.62
C SER B 458 5.53 -7.19 2.31
N VAL B 459 6.21 -6.59 3.28
CA VAL B 459 7.32 -7.24 3.95
C VAL B 459 6.89 -7.68 5.35
N PRO B 460 7.51 -8.70 5.92
CA PRO B 460 7.23 -9.04 7.31
C PRO B 460 7.98 -8.13 8.27
N VAL B 461 7.49 -8.06 9.50
CA VAL B 461 8.15 -7.30 10.55
C VAL B 461 8.74 -8.18 11.62
N GLN B 462 8.63 -9.50 11.47
CA GLN B 462 8.93 -10.44 12.53
C GLN B 462 9.14 -11.82 11.92
N GLU B 463 10.09 -12.58 12.46
CA GLU B 463 10.34 -13.93 11.96
C GLU B 463 9.55 -14.97 12.76
N ASP B 464 8.96 -15.91 12.04
CA ASP B 464 8.21 -17.02 12.64
C ASP B 464 7.89 -18.10 11.63
N MET B 483 17.41 -6.06 17.15
CA MET B 483 16.39 -5.36 16.38
C MET B 483 16.54 -5.61 14.89
N LYS B 484 15.41 -5.69 14.20
CA LYS B 484 15.39 -5.96 12.77
C LYS B 484 15.20 -4.66 11.99
N THR B 485 15.73 -4.65 10.79
CA THR B 485 15.75 -3.48 9.94
C THR B 485 14.77 -3.66 8.78
N LEU B 486 14.53 -2.55 8.09
CA LEU B 486 13.80 -2.63 6.84
C LEU B 486 14.55 -3.49 5.84
N ARG B 487 15.88 -3.44 5.87
CA ARG B 487 16.67 -4.26 4.95
C ARG B 487 16.45 -5.74 5.24
N TRP B 488 16.38 -6.11 6.52
CA TRP B 488 16.03 -7.47 6.88
C TRP B 488 14.66 -7.84 6.33
N ALA B 489 13.68 -6.94 6.48
CA ALA B 489 12.33 -7.24 5.99
C ALA B 489 12.30 -7.42 4.47
N ILE B 490 13.01 -6.56 3.75
CA ILE B 490 13.05 -6.67 2.29
C ILE B 490 13.82 -7.93 1.87
N SER B 491 14.82 -8.35 2.63
CA SER B 491 15.50 -9.61 2.33
C SER B 491 14.55 -10.79 2.54
N GLN B 492 13.78 -10.76 3.63
CA GLN B 492 12.79 -11.80 3.86
C GLN B 492 11.77 -11.83 2.75
N PHE B 493 11.54 -10.70 2.09
CA PHE B 493 10.64 -10.66 0.94
C PHE B 493 11.31 -11.20 -0.32
N ALA B 494 12.54 -10.79 -0.62
CA ALA B 494 13.11 -10.98 -1.94
C ALA B 494 14.35 -11.86 -2.00
N SER B 495 15.05 -12.09 -0.90
CA SER B 495 16.21 -12.98 -0.95
C SER B 495 15.77 -14.42 -1.20
N VAL B 496 16.72 -15.22 -1.68
CA VAL B 496 16.42 -16.59 -2.08
C VAL B 496 15.86 -17.37 -0.90
N GLU B 497 14.63 -17.86 -1.07
CA GLU B 497 13.98 -18.69 -0.08
C GLU B 497 13.90 -20.10 -0.63
N ARG B 498 13.94 -21.07 0.26
CA ARG B 498 14.05 -22.46 -0.15
C ARG B 498 12.80 -23.20 0.33
N ILE B 499 11.94 -23.58 -0.61
CA ILE B 499 10.64 -24.15 -0.30
C ILE B 499 10.74 -25.67 -0.34
N VAL B 500 10.41 -26.31 0.77
CA VAL B 500 10.71 -27.72 1.00
C VAL B 500 9.54 -28.37 1.71
N GLY B 501 9.64 -29.68 1.93
CA GLY B 501 8.74 -30.40 2.81
C GLY B 501 7.32 -30.49 2.31
N GLU B 502 6.39 -29.88 3.05
CA GLU B 502 5.00 -29.78 2.66
C GLU B 502 4.80 -28.82 1.51
N ASP B 503 5.75 -27.93 1.26
CA ASP B 503 5.65 -26.90 0.23
C ASP B 503 6.65 -27.13 -0.88
N LYS B 504 6.77 -28.39 -1.30
CA LYS B 504 7.64 -28.74 -2.40
C LYS B 504 7.09 -28.18 -3.71
N TYR B 505 8.00 -27.86 -4.60
CA TYR B 505 7.63 -27.32 -5.90
C TYR B 505 7.38 -28.45 -6.88
N PHE B 506 6.38 -28.30 -7.74
CA PHE B 506 6.19 -29.26 -8.81
C PHE B 506 6.96 -28.80 -10.04
N CYS B 507 8.02 -29.53 -10.38
CA CYS B 507 8.81 -29.22 -11.56
C CYS B 507 8.29 -30.01 -12.74
N GLU B 508 8.03 -29.32 -13.85
CA GLU B 508 7.55 -29.99 -15.05
C GLU B 508 8.69 -30.64 -15.81
N ASN B 509 9.93 -30.19 -15.59
CA ASN B 509 11.08 -30.83 -16.20
C ASN B 509 11.39 -32.17 -15.56
N CYS B 510 11.21 -32.28 -14.25
CA CYS B 510 11.35 -33.56 -13.56
C CYS B 510 10.06 -34.37 -13.57
N HIS B 511 8.91 -33.73 -13.78
CA HIS B 511 7.60 -34.35 -13.60
C HIS B 511 7.47 -34.92 -12.19
N HIS B 512 8.05 -34.20 -11.23
CA HIS B 512 8.13 -34.67 -9.87
C HIS B 512 7.99 -33.48 -8.95
N TYR B 513 7.74 -33.77 -7.67
CA TYR B 513 7.84 -32.76 -6.63
C TYR B 513 9.29 -32.63 -6.18
N THR B 514 9.78 -31.41 -6.11
CA THR B 514 11.18 -31.16 -5.81
C THR B 514 11.26 -30.03 -4.78
N GLU B 515 12.43 -29.88 -4.19
CA GLU B 515 12.70 -28.66 -3.47
C GLU B 515 13.14 -27.58 -4.45
N ALA B 516 12.83 -26.33 -4.11
CA ALA B 516 13.07 -25.25 -5.05
C ALA B 516 13.55 -24.02 -4.30
N GLU B 517 14.28 -23.18 -5.01
CA GLU B 517 14.67 -21.86 -4.54
C GLU B 517 13.88 -20.80 -5.27
N ARG B 518 13.26 -19.90 -4.53
CA ARG B 518 12.54 -18.77 -5.10
C ARG B 518 13.26 -17.48 -4.70
N SER B 519 13.33 -16.53 -5.62
CA SER B 519 13.87 -15.22 -5.35
C SER B 519 13.14 -14.20 -6.20
N LEU B 520 13.04 -12.98 -5.72
CA LEU B 520 12.33 -11.92 -6.41
C LEU B 520 13.34 -10.84 -6.77
N LEU B 521 13.13 -10.19 -7.91
CA LEU B 521 14.01 -9.09 -8.29
C LEU B 521 13.18 -7.96 -8.87
N PHE B 522 13.44 -6.76 -8.39
CA PHE B 522 12.80 -5.55 -8.89
C PHE B 522 13.31 -5.27 -10.29
N ASP B 523 12.40 -5.24 -11.26
CA ASP B 523 12.75 -4.99 -12.66
C ASP B 523 12.54 -3.54 -13.04
N LYS B 524 11.29 -3.13 -13.25
CA LYS B 524 10.97 -1.74 -13.48
C LYS B 524 10.47 -1.14 -12.18
N MET B 525 10.84 0.10 -11.91
CA MET B 525 10.63 0.69 -10.61
C MET B 525 9.67 1.87 -10.71
N PRO B 526 8.77 2.03 -9.75
CA PRO B 526 7.92 3.23 -9.71
C PRO B 526 8.68 4.47 -9.27
N GLU B 527 7.97 5.58 -9.25
CA GLU B 527 8.54 6.81 -8.73
C GLU B 527 8.34 6.89 -7.23
N VAL B 528 7.37 6.15 -6.70
CA VAL B 528 7.08 6.08 -5.27
C VAL B 528 7.05 4.62 -4.88
N ILE B 529 7.86 4.25 -3.90
CA ILE B 529 7.87 2.91 -3.33
C ILE B 529 7.00 2.93 -2.09
N THR B 530 6.01 2.06 -2.05
CA THR B 530 5.17 1.87 -0.87
C THR B 530 5.59 0.56 -0.22
N ILE B 531 5.96 0.62 1.05
CA ILE B 531 6.19 -0.58 1.83
C ILE B 531 5.00 -0.82 2.75
N HIS B 532 4.32 -1.93 2.52
CA HIS B 532 3.22 -2.39 3.36
C HIS B 532 3.84 -3.28 4.44
N LEU B 533 3.78 -2.84 5.68
CA LEU B 533 4.35 -3.60 6.78
C LEU B 533 3.33 -4.57 7.33
N LYS B 534 3.66 -5.86 7.32
CA LYS B 534 2.79 -6.90 7.85
C LYS B 534 2.98 -6.96 9.36
N CYS B 535 2.39 -5.99 10.04
CA CYS B 535 2.52 -5.85 11.49
C CYS B 535 1.41 -6.60 12.22
N PHE B 536 1.25 -7.85 11.85
CA PHE B 536 0.20 -8.71 12.36
C PHE B 536 0.62 -10.15 12.21
N ALA B 537 0.08 -10.99 13.10
CA ALA B 537 0.55 -12.34 13.32
C ALA B 537 -0.64 -13.26 13.48
N ALA B 538 -0.39 -14.54 13.24
CA ALA B 538 -1.33 -15.61 13.49
C ALA B 538 -0.65 -16.65 14.36
N SER B 539 -1.41 -17.25 15.27
CA SER B 539 -0.85 -18.28 16.14
C SER B 539 -1.18 -19.68 15.61
N GLY B 549 -6.91 -16.39 16.34
CA GLY B 549 -5.71 -16.12 17.11
C GLY B 549 -4.83 -15.07 16.46
N LEU B 550 -5.45 -14.05 15.90
CA LEU B 550 -4.73 -13.01 15.18
C LEU B 550 -4.38 -11.87 16.12
N SER B 551 -3.13 -11.43 16.08
CA SER B 551 -2.69 -10.38 16.97
C SER B 551 -1.95 -9.33 16.17
N LYS B 552 -1.68 -8.21 16.83
CA LYS B 552 -0.94 -7.11 16.25
C LYS B 552 0.48 -7.11 16.79
N ILE B 553 1.45 -6.94 15.91
CA ILE B 553 2.84 -6.77 16.30
C ILE B 553 3.08 -5.27 16.41
N ASN B 554 3.41 -4.80 17.61
CA ASN B 554 3.61 -3.39 17.83
C ASN B 554 5.08 -2.99 17.85
N THR B 555 5.99 -3.93 17.73
CA THR B 555 7.42 -3.61 17.64
C THR B 555 7.77 -3.24 16.21
N PRO B 556 8.29 -2.05 15.94
CA PRO B 556 8.61 -1.66 14.58
C PRO B 556 9.95 -2.22 14.14
N LEU B 557 10.20 -2.11 12.85
CA LEU B 557 11.55 -2.24 12.30
C LEU B 557 12.30 -0.93 12.48
N LEU B 558 13.63 -1.03 12.42
CA LEU B 558 14.47 0.15 12.35
C LEU B 558 14.39 0.69 10.92
N THR B 559 13.68 1.81 10.76
CA THR B 559 13.31 2.36 9.46
C THR B 559 14.34 3.37 8.99
N PRO B 560 14.82 3.26 7.76
CA PRO B 560 15.81 4.21 7.25
C PRO B 560 15.18 5.40 6.53
N LEU B 561 15.97 6.46 6.41
CA LEU B 561 15.53 7.64 5.68
C LEU B 561 15.80 7.52 4.18
N LYS B 562 16.90 6.89 3.80
CA LYS B 562 17.20 6.64 2.40
C LYS B 562 17.17 5.14 2.18
N LEU B 563 16.71 4.72 1.01
CA LEU B 563 16.55 3.32 0.69
C LEU B 563 17.11 3.07 -0.71
N SER B 564 17.83 1.98 -0.86
CA SER B 564 18.26 1.49 -2.16
C SER B 564 17.78 0.05 -2.31
N LEU B 565 17.31 -0.30 -3.50
CA LEU B 565 16.78 -1.63 -3.75
C LEU B 565 17.69 -2.41 -4.67
N GLU B 566 18.90 -1.91 -4.91
CA GLU B 566 19.86 -2.52 -5.83
C GLU B 566 20.25 -3.93 -5.43
N GLU B 567 20.23 -4.24 -4.14
CA GLU B 567 20.56 -5.58 -3.69
C GLU B 567 19.59 -6.61 -4.25
N TRP B 568 18.40 -6.20 -4.65
CA TRP B 568 17.37 -7.10 -5.14
C TRP B 568 16.83 -6.62 -6.49
N SER B 569 17.70 -6.05 -7.30
CA SER B 569 17.34 -5.51 -8.61
C SER B 569 17.91 -6.39 -9.70
N THR B 570 17.25 -6.43 -10.86
CA THR B 570 17.75 -7.22 -11.97
C THR B 570 18.95 -6.58 -12.65
N LYS B 571 19.20 -5.30 -12.39
CA LYS B 571 20.32 -4.60 -12.99
C LYS B 571 20.94 -3.67 -11.95
N PRO B 572 22.19 -3.26 -12.14
CA PRO B 572 22.75 -2.22 -11.28
C PRO B 572 22.01 -0.90 -11.46
N THR B 573 21.77 -0.23 -10.35
CA THR B 573 21.10 1.07 -10.32
C THR B 573 21.81 1.97 -9.33
N ASN B 574 21.73 3.28 -9.58
CA ASN B 574 22.18 4.27 -8.61
C ASN B 574 21.01 5.02 -8.02
N ASP B 575 19.79 4.66 -8.37
CA ASP B 575 18.58 5.35 -7.95
C ASP B 575 18.27 4.98 -6.51
N SER B 576 18.40 5.94 -5.61
CA SER B 576 18.02 5.76 -4.22
C SER B 576 16.68 6.45 -3.97
N TYR B 577 16.08 6.13 -2.83
CA TYR B 577 14.76 6.61 -2.48
C TYR B 577 14.80 7.31 -1.13
N GLY B 578 13.93 8.30 -0.95
CA GLY B 578 13.85 9.03 0.29
C GLY B 578 12.49 8.97 0.95
N LEU B 579 12.48 8.59 2.22
CA LEU B 579 11.22 8.51 2.96
C LEU B 579 10.53 9.85 3.03
N PHE B 580 9.26 9.89 2.60
CA PHE B 580 8.51 11.12 2.67
C PHE B 580 7.16 10.99 3.38
N ALA B 581 6.63 9.79 3.60
CA ALA B 581 5.36 9.69 4.29
C ALA B 581 5.26 8.38 5.05
N VAL B 582 4.66 8.41 6.23
CA VAL B 582 4.39 7.22 7.03
C VAL B 582 2.94 7.25 7.48
N VAL B 583 2.24 6.15 7.30
CA VAL B 583 0.93 5.93 7.92
C VAL B 583 1.15 5.05 9.14
N MET B 584 0.67 5.49 10.30
CA MET B 584 0.78 4.74 11.55
C MET B 584 -0.57 4.22 12.00
N HIS B 585 -0.56 3.09 12.68
CA HIS B 585 -1.74 2.56 13.34
C HIS B 585 -1.51 2.62 14.85
N SER B 586 -2.52 3.06 15.58
CA SER B 586 -2.51 3.03 17.04
C SER B 586 -3.58 2.07 17.53
N GLY B 587 -3.20 1.18 18.40
CA GLY B 587 -4.12 0.21 18.97
C GLY B 587 -3.39 -1.06 19.36
N ILE B 588 -3.93 -1.74 20.35
CA ILE B 588 -3.33 -2.99 20.82
C ILE B 588 -3.90 -4.21 20.11
N THR B 589 -4.93 -4.04 19.30
CA THR B 589 -5.52 -5.09 18.49
C THR B 589 -5.44 -4.71 17.02
N ILE B 590 -5.85 -5.63 16.15
CA ILE B 590 -5.94 -5.33 14.73
C ILE B 590 -7.36 -4.97 14.30
N SER B 591 -8.35 -5.16 15.17
CA SER B 591 -9.73 -4.93 14.79
C SER B 591 -10.20 -3.52 15.04
N SER B 592 -9.36 -2.65 15.58
CA SER B 592 -9.75 -1.27 15.82
C SER B 592 -8.52 -0.44 16.13
N GLY B 593 -8.68 0.87 16.03
CA GLY B 593 -7.59 1.76 16.36
C GLY B 593 -7.74 3.08 15.63
N HIS B 594 -6.61 3.74 15.45
CA HIS B 594 -6.55 5.08 14.91
C HIS B 594 -5.42 5.15 13.90
N TYR B 595 -5.66 5.79 12.78
CA TYR B 595 -4.64 6.00 11.77
C TYR B 595 -4.18 7.45 11.78
N THR B 596 -2.87 7.65 11.73
CA THR B 596 -2.29 8.98 11.57
C THR B 596 -1.24 8.93 10.48
N ALA B 597 -1.01 10.08 9.84
CA ALA B 597 -0.05 10.19 8.76
C ALA B 597 1.04 11.18 9.15
N SER B 598 2.28 10.82 8.87
CA SER B 598 3.42 11.74 8.92
C SER B 598 3.86 12.03 7.50
N VAL B 599 4.16 13.29 7.21
CA VAL B 599 4.48 13.71 5.86
C VAL B 599 5.64 14.68 5.91
N LYS B 600 6.61 14.50 5.02
CA LYS B 600 7.71 15.43 4.89
C LYS B 600 7.32 16.52 3.89
N VAL B 601 7.56 17.77 4.25
CA VAL B 601 7.20 18.90 3.40
C VAL B 601 8.35 19.21 2.46
N THR B 602 8.04 19.34 1.17
CA THR B 602 9.03 19.72 0.18
C THR B 602 8.65 21.02 -0.50
N VAL B 738 3.63 33.49 0.50
CA VAL B 738 4.14 32.16 0.14
C VAL B 738 5.46 31.88 0.83
N GLN B 739 6.21 32.95 1.13
CA GLN B 739 7.48 32.79 1.85
C GLN B 739 7.29 32.10 3.19
N SER B 740 6.08 32.15 3.74
CA SER B 740 5.83 31.52 5.03
C SER B 740 5.83 30.00 4.91
N LEU B 741 5.67 29.48 3.70
CA LEU B 741 5.64 28.03 3.49
C LEU B 741 7.02 27.44 3.23
N LYS B 742 8.10 28.15 3.54
CA LYS B 742 9.43 27.57 3.43
C LYS B 742 10.14 27.41 4.76
N GLU B 743 9.61 27.98 5.84
CA GLU B 743 10.09 27.61 7.16
C GLU B 743 9.71 26.21 7.56
N TYR B 744 9.00 25.48 6.68
CA TYR B 744 8.57 24.12 6.95
C TYR B 744 9.29 23.09 6.09
N GLU B 745 9.97 23.51 5.03
CA GLU B 745 10.67 22.56 4.18
C GLU B 745 11.65 21.73 4.97
N GLY B 746 11.59 20.41 4.76
CA GLY B 746 12.42 19.48 5.47
C GLY B 746 11.88 19.04 6.81
N LYS B 747 10.71 19.53 7.19
CA LYS B 747 10.13 19.21 8.48
C LYS B 747 8.96 18.25 8.28
N TRP B 748 8.59 17.56 9.34
CA TRP B 748 7.60 16.50 9.28
C TRP B 748 6.30 16.98 9.91
N LEU B 749 5.23 16.93 9.14
CA LEU B 749 3.89 17.23 9.63
C LEU B 749 3.21 15.95 10.10
N LEU B 750 2.66 15.98 11.30
CA LEU B 750 1.87 14.87 11.81
C LEU B 750 0.40 15.23 11.69
N PHE B 751 -0.35 14.42 10.96
CA PHE B 751 -1.76 14.68 10.67
C PHE B 751 -2.61 13.75 11.51
N ASP B 752 -3.24 14.31 12.54
CA ASP B 752 -4.17 13.59 13.40
C ASP B 752 -5.56 14.14 13.13
N ASP B 753 -6.16 13.64 12.06
CA ASP B 753 -7.40 14.19 11.50
C ASP B 753 -7.28 15.69 11.36
N SER B 754 -8.12 16.44 12.06
CA SER B 754 -8.15 17.88 11.85
C SER B 754 -7.01 18.61 12.55
N GLU B 755 -6.17 17.92 13.30
CA GLU B 755 -5.06 18.55 14.01
C GLU B 755 -3.77 18.31 13.25
N VAL B 756 -2.98 19.37 13.08
CA VAL B 756 -1.75 19.29 12.31
C VAL B 756 -0.61 19.80 13.19
N LYS B 757 0.35 18.93 13.49
CA LYS B 757 1.51 19.27 14.27
C LYS B 757 2.72 19.30 13.35
N VAL B 758 3.74 20.01 13.74
CA VAL B 758 5.00 19.99 13.01
C VAL B 758 6.02 19.30 13.89
N THR B 759 7.06 18.78 13.26
CA THR B 759 8.08 18.00 13.94
C THR B 759 9.36 18.18 13.15
N GLU B 760 10.48 18.07 13.85
CA GLU B 760 11.78 18.15 13.21
C GLU B 760 12.20 16.76 12.70
N GLU B 761 13.12 16.77 11.74
CA GLU B 761 13.61 15.53 11.13
C GLU B 761 14.10 14.55 12.19
N LYS B 762 14.95 15.02 13.12
CA LYS B 762 15.61 14.10 14.03
C LYS B 762 14.63 13.59 15.09
N ASP B 763 13.75 14.46 15.56
CA ASP B 763 12.73 14.04 16.50
C ASP B 763 11.77 13.04 15.89
N PHE B 764 11.35 13.27 14.65
CA PHE B 764 10.51 12.30 13.95
C PHE B 764 11.22 10.96 13.81
N LEU B 765 12.48 10.98 13.37
CA LEU B 765 13.19 9.71 13.21
C LEU B 765 13.35 8.98 14.54
N ASN B 766 13.55 9.73 15.62
CA ASN B 766 13.63 9.11 16.94
C ASN B 766 12.30 8.48 17.33
N SER B 767 11.19 9.18 17.10
CA SER B 767 9.89 8.65 17.52
C SER B 767 9.53 7.36 16.80
N LEU B 768 10.16 7.08 15.65
CA LEU B 768 9.95 5.83 14.95
C LEU B 768 10.71 4.66 15.56
N SER B 769 11.76 4.93 16.33
CA SER B 769 12.68 3.89 16.75
C SER B 769 11.98 2.82 17.59
N PRO B 770 12.37 1.56 17.46
CA PRO B 770 11.81 0.53 18.36
C PRO B 770 12.30 0.69 19.79
N SER B 771 13.45 1.35 20.01
CA SER B 771 13.94 1.53 21.37
C SER B 771 13.05 2.46 22.17
N THR B 772 12.62 3.57 21.56
CA THR B 772 11.58 4.41 22.15
C THR B 772 10.25 3.84 21.71
N SER B 773 9.81 2.78 22.40
CA SER B 773 8.69 1.94 22.01
C SER B 773 7.45 2.75 21.70
N PRO B 774 7.13 2.98 20.43
CA PRO B 774 6.03 3.88 20.10
C PRO B 774 4.67 3.21 20.16
N THR B 775 3.66 4.03 20.44
CA THR B 775 2.29 3.52 20.45
C THR B 775 1.68 3.55 19.06
N SER B 776 2.20 4.41 18.18
CA SER B 776 1.82 4.42 16.78
C SER B 776 2.72 3.45 16.03
N THR B 777 2.15 2.44 15.51
CA THR B 777 2.91 1.43 14.80
C THR B 777 2.97 1.80 13.32
N PRO B 778 4.16 1.95 12.75
CA PRO B 778 4.26 2.19 11.32
C PRO B 778 3.64 1.04 10.52
N TYR B 779 2.92 1.40 9.48
CA TYR B 779 2.15 0.46 8.68
C TYR B 779 2.41 0.60 7.20
N LEU B 780 2.47 1.83 6.71
CA LEU B 780 2.78 2.12 5.32
C LEU B 780 3.91 3.13 5.28
N LEU B 781 4.98 2.80 4.57
CA LEU B 781 6.09 3.71 4.32
C LEU B 781 6.10 4.12 2.87
N PHE B 782 6.41 5.38 2.61
CA PHE B 782 6.41 5.90 1.25
C PHE B 782 7.76 6.50 0.96
N TYR B 783 8.43 5.98 -0.07
CA TYR B 783 9.74 6.44 -0.50
C TYR B 783 9.65 6.95 -1.93
N LYS B 784 10.16 8.13 -2.19
CA LYS B 784 10.14 8.69 -3.52
C LYS B 784 11.55 8.71 -4.10
N LYS B 785 11.64 8.60 -5.42
CA LYS B 785 12.93 8.49 -6.08
C LYS B 785 13.68 9.82 -6.03
N LEU B 786 14.88 9.79 -5.49
CA LEU B 786 15.71 10.99 -5.43
C LEU B 786 16.43 11.22 -6.74
ZN ZN C . 13.38 -30.17 -11.93
#